data_5TK2
#
_entry.id   5TK2
#
_cell.length_a   65.226
_cell.length_b   58.023
_cell.length_c   108.796
_cell.angle_alpha   90.00
_cell.angle_beta   90.00
_cell.angle_gamma   90.00
#
_symmetry.space_group_name_H-M   'C 1 2 1'
#
loop_
_entity.id
_entity.type
_entity.pdbx_description
1 polymer 'Cytochrome B'
2 non-polymer 'CADMIUM ION'
3 non-polymer D-MALATE
4 non-polymer 1,2-ETHANEDIOL
5 non-polymer 'FORMIC ACID'
6 water water
#
_entity_poly.entity_id   1
_entity_poly.type   'polypeptide(L)'
_entity_poly.pdbx_seq_one_letter_code
;SNANDLAQPIASAKVIEVELNDDYFNPNVITIPINESTTLLLKNKGKSEHTFTIKKLGIDVVVESGKEKNITVKPKSAGT
YELICRYHLLKG(MSE)EGKVIVK
;
_entity_poly.pdbx_strand_id   A,B,C,D
#
# COMPACT_ATOMS: atom_id res chain seq x y z
N LYS A 14 -5.18 27.04 4.49
CA LYS A 14 -6.39 26.41 3.89
C LYS A 14 -6.81 25.15 4.64
N VAL A 15 -8.09 24.83 4.52
CA VAL A 15 -8.72 23.76 5.26
C VAL A 15 -9.31 22.77 4.27
N ILE A 16 -9.02 21.49 4.50
CA ILE A 16 -9.63 20.40 3.76
C ILE A 16 -10.31 19.51 4.80
N GLU A 17 -11.62 19.30 4.66
CA GLU A 17 -12.33 18.43 5.60
C GLU A 17 -12.32 16.99 5.13
N VAL A 18 -12.17 16.08 6.08
CA VAL A 18 -12.26 14.65 5.81
C VAL A 18 -13.22 14.03 6.80
N GLU A 19 -14.25 13.40 6.28
CA GLU A 19 -15.19 12.61 7.07
C GLU A 19 -14.62 11.18 7.26
N LEU A 20 -14.67 10.69 8.50
CA LEU A 20 -14.43 9.28 8.80
C LEU A 20 -15.78 8.65 9.14
N ASN A 21 -16.15 7.56 8.49
CA ASN A 21 -17.42 6.91 8.82
C ASN A 21 -17.21 5.41 8.82
N ASP A 22 -18.26 4.66 9.05
CA ASP A 22 -18.14 3.21 9.16
C ASP A 22 -18.37 2.56 7.78
N ASP A 23 -17.35 2.05 7.05
CA ASP A 23 -15.92 2.07 7.32
C ASP A 23 -15.21 2.68 6.10
N TYR A 24 -15.19 4.01 6.03
CA TYR A 24 -14.63 4.69 4.89
C TYR A 24 -14.20 6.12 5.22
N PHE A 25 -13.37 6.66 4.34
CA PHE A 25 -12.97 8.08 4.37
C PHE A 25 -13.69 8.79 3.24
N ASN A 26 -14.15 9.99 3.52
CA ASN A 26 -14.87 10.81 2.54
C ASN A 26 -14.43 12.26 2.64
N PRO A 27 -13.70 12.77 1.64
CA PRO A 27 -13.28 12.10 0.39
C PRO A 27 -12.29 10.96 0.60
N ASN A 28 -12.30 10.00 -0.32
CA ASN A 28 -11.31 8.93 -0.27
C ASN A 28 -10.02 9.21 -1.04
N VAL A 29 -9.98 10.34 -1.74
CA VAL A 29 -8.76 10.88 -2.34
C VAL A 29 -8.70 12.35 -2.02
N ILE A 30 -7.64 12.74 -1.32
CA ILE A 30 -7.37 14.12 -0.95
C ILE A 30 -6.11 14.60 -1.64
N THR A 31 -6.07 15.89 -1.95
CA THR A 31 -4.90 16.49 -2.56
C THR A 31 -4.48 17.69 -1.73
N ILE A 32 -3.23 17.70 -1.28
CA ILE A 32 -2.74 18.78 -0.43
C ILE A 32 -1.50 19.42 -1.05
N PRO A 33 -1.37 20.75 -0.89
CA PRO A 33 -0.22 21.47 -1.44
C PRO A 33 1.09 21.14 -0.73
N ILE A 34 2.14 21.02 -1.53
CA ILE A 34 3.48 20.79 -1.01
C ILE A 34 4.01 22.08 -0.38
N ASN A 35 4.81 21.94 0.68
CA ASN A 35 5.51 23.08 1.33
C ASN A 35 4.61 24.23 1.85
N GLU A 36 3.40 23.83 2.25
CA GLU A 36 2.42 24.73 2.85
C GLU A 36 1.69 23.95 3.93
N SER A 37 1.24 24.64 4.96
CA SER A 37 0.47 24.00 6.01
C SER A 37 -0.98 23.92 5.56
N THR A 38 -1.49 22.70 5.46
CA THR A 38 -2.89 22.46 5.22
C THR A 38 -3.52 21.93 6.50
N THR A 39 -4.65 22.50 6.89
CA THR A 39 -5.36 22.03 8.08
C THR A 39 -6.39 21.02 7.61
N LEU A 40 -6.29 19.81 8.17
CA LEU A 40 -7.26 18.75 7.94
C LEU A 40 -8.22 18.69 9.11
N LEU A 41 -9.49 18.95 8.82
CA LEU A 41 -10.53 18.88 9.83
C LEU A 41 -11.18 17.50 9.75
N LEU A 42 -10.88 16.66 10.73
CA LEU A 42 -11.28 15.25 10.74
C LEU A 42 -12.56 15.08 11.54
N LYS A 43 -13.61 14.55 10.93
CA LYS A 43 -14.89 14.42 11.61
C LYS A 43 -15.35 12.97 11.59
N ASN A 44 -15.42 12.33 12.76
CA ASN A 44 -15.90 10.94 12.83
C ASN A 44 -17.41 10.90 13.03
N LYS A 45 -18.10 10.77 11.89
CA LYS A 45 -19.56 10.72 11.83
C LYS A 45 -20.13 9.31 11.90
N GLY A 46 -19.26 8.30 12.05
CA GLY A 46 -19.72 6.93 12.28
C GLY A 46 -19.97 6.64 13.73
N LYS A 47 -20.39 5.39 14.00
CA LYS A 47 -20.70 4.93 15.35
C LYS A 47 -19.52 4.21 15.99
N SER A 48 -18.52 3.83 15.19
CA SER A 48 -17.31 3.18 15.68
C SER A 48 -16.18 4.17 15.82
N GLU A 49 -15.20 3.81 16.65
N GLU A 49 -15.20 3.82 16.65
CA GLU A 49 -13.92 4.52 16.70
CA GLU A 49 -13.93 4.55 16.70
C GLU A 49 -13.16 4.30 15.40
C GLU A 49 -13.16 4.30 15.41
N HIS A 50 -12.42 5.31 14.95
CA HIS A 50 -11.57 5.19 13.76
C HIS A 50 -10.24 5.88 13.97
N THR A 51 -9.29 5.57 13.10
CA THR A 51 -8.04 6.31 13.00
C THR A 51 -7.85 6.93 11.63
N PHE A 52 -7.02 7.97 11.62
CA PHE A 52 -6.60 8.67 10.39
C PHE A 52 -5.07 8.58 10.36
N THR A 53 -4.58 7.60 9.58
CA THR A 53 -3.18 7.19 9.63
C THR A 53 -2.54 7.25 8.24
N ILE A 54 -1.46 8.03 8.11
CA ILE A 54 -0.73 8.21 6.86
C ILE A 54 0.73 7.96 7.21
N LYS A 55 1.13 6.68 7.14
CA LYS A 55 2.41 6.27 7.66
C LYS A 55 3.58 7.03 7.08
N LYS A 56 3.60 7.21 5.77
CA LYS A 56 4.74 7.88 5.12
C LYS A 56 4.82 9.39 5.39
N LEU A 57 3.75 9.98 5.90
CA LEU A 57 3.75 11.36 6.36
C LEU A 57 3.80 11.48 7.89
N GLY A 58 3.96 10.36 8.58
CA GLY A 58 4.08 10.37 10.05
C GLY A 58 2.82 10.80 10.79
N ILE A 59 1.68 10.59 10.15
CA ILE A 59 0.39 11.02 10.69
C ILE A 59 -0.35 9.80 11.24
N ASP A 60 -0.84 9.89 12.49
CA ASP A 60 -1.60 8.81 13.08
C ASP A 60 -2.45 9.38 14.23
N VAL A 61 -3.69 9.67 13.91
CA VAL A 61 -4.64 10.33 14.78
C VAL A 61 -5.79 9.36 15.09
N VAL A 62 -6.27 9.39 16.33
CA VAL A 62 -7.45 8.66 16.75
C VAL A 62 -8.63 9.64 16.85
N VAL A 63 -9.81 9.27 16.34
CA VAL A 63 -11.00 10.14 16.40
C VAL A 63 -12.18 9.35 16.93
N GLU A 64 -12.73 9.81 18.03
CA GLU A 64 -13.89 9.16 18.61
C GLU A 64 -15.18 9.43 17.81
N SER A 65 -16.12 8.50 17.90
CA SER A 65 -17.40 8.66 17.21
C SER A 65 -18.11 9.93 17.64
N GLY A 66 -18.56 10.71 16.66
CA GLY A 66 -19.25 11.97 16.90
C GLY A 66 -18.35 13.09 17.38
N LYS A 67 -17.05 12.92 17.19
CA LYS A 67 -16.06 13.93 17.54
C LYS A 67 -15.25 14.37 16.31
N GLU A 68 -14.51 15.47 16.51
CA GLU A 68 -13.65 16.02 15.48
C GLU A 68 -12.33 16.52 16.04
N LYS A 69 -11.32 16.44 15.19
CA LYS A 69 -9.98 16.91 15.52
C LYS A 69 -9.45 17.57 14.28
N ASN A 70 -8.58 18.57 14.45
CA ASN A 70 -7.86 19.09 13.32
C ASN A 70 -6.36 18.99 13.53
N ILE A 71 -5.69 18.68 12.44
CA ILE A 71 -4.25 18.58 12.38
C ILE A 71 -3.78 19.46 11.24
N THR A 72 -2.55 19.94 11.33
CA THR A 72 -2.00 20.80 10.31
C THR A 72 -0.73 20.14 9.77
N VAL A 73 -0.65 20.00 8.46
CA VAL A 73 0.44 19.25 7.83
C VAL A 73 1.12 20.07 6.75
N LYS A 74 2.45 19.97 6.71
CA LYS A 74 3.25 20.72 5.75
C LYS A 74 4.19 19.76 5.00
N PRO A 75 3.67 19.09 3.96
CA PRO A 75 4.46 18.08 3.28
C PRO A 75 5.56 18.68 2.41
N LYS A 76 6.69 17.98 2.34
CA LYS A 76 7.90 18.47 1.66
C LYS A 76 8.17 17.79 0.31
N SER A 77 7.50 16.66 0.04
CA SER A 77 7.75 15.86 -1.17
C SER A 77 6.48 15.49 -1.91
N ALA A 78 6.52 15.64 -3.23
CA ALA A 78 5.45 15.20 -4.11
C ALA A 78 5.31 13.69 -4.03
N GLY A 79 4.07 13.22 -4.13
CA GLY A 79 3.82 11.80 -4.15
C GLY A 79 2.39 11.44 -3.82
N THR A 80 2.08 10.16 -3.92
CA THR A 80 0.78 9.63 -3.48
C THR A 80 0.99 8.67 -2.31
N TYR A 81 0.29 8.93 -1.21
CA TYR A 81 0.51 8.23 0.04
C TYR A 81 -0.75 7.52 0.54
N GLU A 82 -0.55 6.34 1.11
CA GLU A 82 -1.62 5.52 1.64
C GLU A 82 -2.21 6.13 2.89
N LEU A 83 -3.54 6.31 2.88
CA LEU A 83 -4.29 6.65 4.10
C LEU A 83 -5.05 5.40 4.56
N ILE A 84 -4.92 5.06 5.84
CA ILE A 84 -5.65 3.93 6.41
C ILE A 84 -6.24 4.24 7.76
N CYS A 85 -7.20 3.42 8.15
CA CYS A 85 -7.58 3.25 9.56
C CYS A 85 -6.92 1.97 10.04
N ARG A 86 -6.33 1.99 11.23
N ARG A 86 -6.32 2.02 11.23
CA ARG A 86 -5.62 0.82 11.74
CA ARG A 86 -5.63 0.86 11.83
C ARG A 86 -6.51 -0.32 12.24
C ARG A 86 -6.51 -0.30 12.29
N TYR A 87 -7.79 -0.06 12.47
CA TYR A 87 -8.67 -1.05 13.10
C TYR A 87 -9.34 -2.05 12.12
N HIS A 88 -8.56 -2.51 11.15
CA HIS A 88 -9.05 -3.44 10.13
C HIS A 88 -7.90 -4.29 9.63
N LEU A 89 -8.23 -5.50 9.14
CA LEU A 89 -7.28 -6.37 8.48
C LEU A 89 -7.73 -6.60 7.04
N LEU A 90 -8.60 -7.58 6.83
CA LEU A 90 -9.06 -7.97 5.50
C LEU A 90 -10.08 -7.02 4.89
N LYS A 91 -10.98 -6.48 5.72
N LYS A 91 -10.93 -6.45 5.75
CA LYS A 91 -11.95 -5.49 5.21
CA LYS A 91 -11.95 -5.49 5.32
C LYS A 91 -11.45 -4.11 5.56
C LYS A 91 -11.42 -4.09 5.60
N GLY A 92 -10.51 -3.64 4.74
CA GLY A 92 -9.80 -2.39 4.96
C GLY A 92 -10.62 -1.13 4.74
N GLU A 94 -9.55 2.57 3.54
CA GLU A 94 -8.41 3.29 3.00
C GLU A 94 -8.77 4.43 2.06
N GLY A 95 -7.77 5.28 1.85
CA GLY A 95 -7.86 6.41 0.94
C GLY A 95 -6.47 6.79 0.45
N LYS A 96 -6.39 7.91 -0.24
CA LYS A 96 -5.13 8.42 -0.77
C LYS A 96 -4.99 9.90 -0.48
N VAL A 97 -3.78 10.29 -0.05
CA VAL A 97 -3.41 11.69 0.04
C VAL A 97 -2.31 11.94 -0.99
N ILE A 98 -2.61 12.79 -1.96
CA ILE A 98 -1.67 13.21 -2.98
C ILE A 98 -1.10 14.56 -2.56
N VAL A 99 0.23 14.62 -2.54
CA VAL A 99 0.95 15.87 -2.31
C VAL A 99 1.34 16.45 -3.67
N LYS A 100 0.98 17.71 -3.87
CA LYS A 100 0.95 18.33 -5.18
C LYS A 100 1.23 19.83 -5.06
N ALA B 13 -22.29 17.09 -4.14
CA ALA B 13 -22.54 15.81 -3.43
C ALA B 13 -21.29 14.91 -3.38
N LYS B 14 -21.46 13.70 -2.88
CA LYS B 14 -20.31 12.86 -2.59
C LYS B 14 -19.62 12.44 -3.88
N VAL B 15 -18.30 12.42 -3.84
CA VAL B 15 -17.51 11.87 -4.96
C VAL B 15 -16.60 10.76 -4.44
N ILE B 16 -16.74 9.57 -5.00
CA ILE B 16 -15.93 8.42 -4.61
C ILE B 16 -15.05 7.99 -5.79
N GLU B 17 -13.74 7.87 -5.55
CA GLU B 17 -12.87 7.27 -6.57
C GLU B 17 -12.86 5.76 -6.39
N VAL B 18 -13.22 5.03 -7.45
CA VAL B 18 -13.18 3.56 -7.47
C VAL B 18 -12.20 3.12 -8.55
N GLU B 19 -11.14 2.43 -8.11
CA GLU B 19 -10.21 1.78 -9.05
C GLU B 19 -10.72 0.41 -9.47
N LEU B 20 -10.71 0.20 -10.78
CA LEU B 20 -10.92 -1.08 -11.41
C LEU B 20 -9.53 -1.56 -11.79
N ASN B 21 -9.19 -2.78 -11.42
CA ASN B 21 -7.91 -3.34 -11.80
C ASN B 21 -8.05 -4.83 -12.04
N ASP B 22 -6.96 -5.50 -12.38
CA ASP B 22 -6.98 -6.91 -12.74
C ASP B 22 -6.77 -7.78 -11.50
N ASP B 23 -7.79 -8.42 -10.92
CA ASP B 23 -9.21 -8.38 -11.29
C ASP B 23 -9.97 -8.06 -10.00
N TYR B 24 -10.04 -6.77 -9.65
CA TYR B 24 -10.60 -6.34 -8.37
C TYR B 24 -11.10 -4.90 -8.46
N PHE B 25 -12.01 -4.56 -7.54
CA PHE B 25 -12.41 -3.18 -7.29
C PHE B 25 -11.74 -2.70 -5.98
N ASN B 26 -11.26 -1.46 -5.98
CA ASN B 26 -10.69 -0.86 -4.79
C ASN B 26 -11.19 0.59 -4.69
N PRO B 27 -12.11 0.88 -3.74
CA PRO B 27 -12.59 -0.03 -2.72
C PRO B 27 -13.62 -1.01 -3.27
N ASN B 28 -13.73 -2.16 -2.61
CA ASN B 28 -14.73 -3.16 -2.96
C ASN B 28 -16.03 -3.00 -2.17
N VAL B 29 -16.03 -2.14 -1.14
CA VAL B 29 -17.27 -1.85 -0.39
C VAL B 29 -17.55 -0.34 -0.41
N ILE B 30 -18.62 0.04 -1.09
CA ILE B 30 -18.93 1.47 -1.33
C ILE B 30 -20.27 1.78 -0.68
N THR B 31 -20.29 2.74 0.22
CA THR B 31 -21.50 3.14 0.91
C THR B 31 -21.92 4.49 0.33
N ILE B 32 -23.20 4.58 -0.05
CA ILE B 32 -23.75 5.79 -0.61
C ILE B 32 -25.09 6.10 0.03
N PRO B 33 -25.47 7.39 0.02
CA PRO B 33 -26.70 7.80 0.70
C PRO B 33 -27.93 7.68 -0.19
N ILE B 34 -29.03 7.23 0.41
CA ILE B 34 -30.31 7.06 -0.29
C ILE B 34 -30.84 8.38 -0.88
N ASN B 35 -31.49 8.26 -2.03
CA ASN B 35 -32.19 9.37 -2.70
C ASN B 35 -31.35 10.62 -2.97
N GLU B 36 -30.04 10.46 -3.03
CA GLU B 36 -29.12 11.53 -3.39
C GLU B 36 -28.25 11.06 -4.54
N SER B 37 -27.79 12.00 -5.35
CA SER B 37 -26.85 11.69 -6.42
C SER B 37 -25.42 11.63 -5.88
N THR B 38 -24.75 10.51 -6.13
CA THR B 38 -23.35 10.35 -5.78
C THR B 38 -22.58 10.16 -7.08
N THR B 39 -21.45 10.83 -7.20
CA THR B 39 -20.56 10.67 -8.34
C THR B 39 -19.52 9.60 -8.03
N LEU B 40 -19.39 8.64 -8.94
CA LEU B 40 -18.34 7.66 -8.87
C LEU B 40 -17.39 7.93 -10.03
N LEU B 41 -16.14 8.17 -9.68
CA LEU B 41 -15.08 8.34 -10.65
C LEU B 41 -14.39 6.99 -10.80
N LEU B 42 -14.69 6.31 -11.90
CA LEU B 42 -14.17 4.97 -12.13
C LEU B 42 -12.87 5.10 -12.90
N LYS B 43 -11.82 4.45 -12.43
CA LYS B 43 -10.50 4.52 -13.03
C LYS B 43 -10.00 3.11 -13.27
N ASN B 44 -9.99 2.67 -14.53
CA ASN B 44 -9.44 1.34 -14.85
C ASN B 44 -7.93 1.43 -15.01
N LYS B 45 -7.25 1.05 -13.93
CA LYS B 45 -5.79 1.02 -13.89
C LYS B 45 -5.24 -0.35 -14.24
N GLY B 46 -6.12 -1.26 -14.67
CA GLY B 46 -5.69 -2.55 -15.14
C GLY B 46 -5.31 -2.53 -16.60
N LYS B 47 -4.86 -3.69 -17.07
CA LYS B 47 -4.62 -3.92 -18.50
C LYS B 47 -5.85 -4.43 -19.23
N SER B 48 -6.75 -5.11 -18.50
CA SER B 48 -7.98 -5.61 -19.06
C SER B 48 -9.08 -4.57 -19.12
N GLU B 49 -10.00 -4.74 -20.08
N GLU B 49 -10.02 -4.77 -20.05
CA GLU B 49 -11.31 -4.09 -20.02
CA GLU B 49 -11.32 -4.09 -19.98
C GLU B 49 -12.10 -4.62 -18.81
C GLU B 49 -12.07 -4.62 -18.77
N HIS B 50 -12.78 -3.75 -18.08
CA HIS B 50 -13.62 -4.15 -16.95
C HIS B 50 -14.96 -3.45 -17.02
N THR B 51 -15.97 -4.05 -16.40
CA THR B 51 -17.25 -3.38 -16.23
C THR B 51 -17.46 -3.07 -14.77
N PHE B 52 -18.33 -2.10 -14.54
CA PHE B 52 -18.80 -1.72 -13.22
C PHE B 52 -20.32 -1.86 -13.24
N THR B 53 -20.83 -2.91 -12.61
CA THR B 53 -22.19 -3.38 -12.83
C THR B 53 -22.83 -3.66 -11.48
N ILE B 54 -23.89 -2.90 -11.17
CA ILE B 54 -24.67 -3.10 -9.94
C ILE B 54 -26.08 -3.37 -10.43
N LYS B 55 -26.44 -4.64 -10.60
CA LYS B 55 -27.67 -5.00 -11.32
C LYS B 55 -28.91 -4.41 -10.66
N LYS B 56 -28.98 -4.50 -9.34
CA LYS B 56 -30.19 -4.09 -8.63
C LYS B 56 -30.35 -2.57 -8.52
N LEU B 57 -29.30 -1.81 -8.90
CA LEU B 57 -29.41 -0.35 -8.99
C LEU B 57 -29.46 0.13 -10.47
N GLY B 58 -29.49 -0.81 -11.41
CA GLY B 58 -29.57 -0.49 -12.82
C GLY B 58 -28.31 0.09 -13.45
N ILE B 59 -27.16 -0.09 -12.76
CA ILE B 59 -25.90 0.49 -13.17
C ILE B 59 -25.11 -0.54 -13.98
N ASP B 60 -24.59 -0.16 -15.15
CA ASP B 60 -23.79 -1.07 -15.96
C ASP B 60 -22.99 -0.25 -16.96
N VAL B 61 -21.70 -0.14 -16.70
CA VAL B 61 -20.80 0.68 -17.51
C VAL B 61 -19.52 -0.12 -17.78
N VAL B 62 -18.95 0.06 -18.97
CA VAL B 62 -17.64 -0.50 -19.30
C VAL B 62 -16.61 0.61 -19.22
N VAL B 63 -15.44 0.31 -18.66
CA VAL B 63 -14.34 1.27 -18.57
C VAL B 63 -13.12 0.62 -19.21
N GLU B 64 -12.55 1.33 -20.18
CA GLU B 64 -11.41 0.82 -20.93
C GLU B 64 -10.12 0.94 -20.11
N SER B 65 -9.17 0.07 -20.42
CA SER B 65 -7.88 0.10 -19.77
C SER B 65 -7.18 1.46 -19.89
N GLY B 66 -6.71 1.97 -18.75
CA GLY B 66 -6.03 3.26 -18.70
C GLY B 66 -6.95 4.47 -18.88
N LYS B 67 -8.26 4.26 -18.73
CA LYS B 67 -9.22 5.33 -18.90
C LYS B 67 -10.04 5.48 -17.64
N GLU B 68 -10.77 6.60 -17.57
CA GLU B 68 -11.63 6.93 -16.45
C GLU B 68 -13.00 7.32 -16.98
N LYS B 69 -14.03 7.00 -16.20
CA LYS B 69 -15.40 7.34 -16.55
C LYS B 69 -16.10 7.89 -15.32
N ASN B 70 -16.83 8.98 -15.51
CA ASN B 70 -17.61 9.61 -14.46
C ASN B 70 -19.06 9.16 -14.60
N ILE B 71 -19.62 8.52 -13.58
CA ILE B 71 -21.06 8.19 -13.59
C ILE B 71 -21.76 8.71 -12.35
N THR B 72 -23.08 8.87 -12.45
N THR B 72 -23.09 8.80 -12.45
CA THR B 72 -23.89 9.22 -11.28
CA THR B 72 -23.95 9.22 -11.36
C THR B 72 -24.78 8.06 -10.89
C THR B 72 -24.81 8.05 -10.89
N VAL B 73 -24.96 7.91 -9.58
CA VAL B 73 -25.89 6.92 -9.01
C VAL B 73 -26.81 7.64 -8.03
N LYS B 74 -28.11 7.36 -8.13
CA LYS B 74 -29.11 7.94 -7.23
C LYS B 74 -30.06 6.83 -6.80
N PRO B 75 -29.72 6.12 -5.72
CA PRO B 75 -30.48 4.94 -5.32
C PRO B 75 -31.78 5.28 -4.60
N LYS B 76 -32.78 4.44 -4.80
CA LYS B 76 -34.15 4.66 -4.31
C LYS B 76 -34.43 3.95 -2.99
N SER B 77 -33.75 2.83 -2.77
CA SER B 77 -34.04 1.95 -1.64
C SER B 77 -32.77 1.61 -0.86
N ALA B 78 -32.88 1.63 0.46
CA ALA B 78 -31.82 1.18 1.34
C ALA B 78 -31.63 -0.31 1.18
N GLY B 79 -30.38 -0.74 1.16
CA GLY B 79 -30.08 -2.16 1.10
C GLY B 79 -28.62 -2.36 0.78
N THR B 80 -28.26 -3.60 0.52
CA THR B 80 -26.91 -3.94 0.15
C THR B 80 -26.98 -4.72 -1.15
N TYR B 81 -26.17 -4.31 -2.11
CA TYR B 81 -26.31 -4.75 -3.50
C TYR B 81 -24.99 -5.18 -4.08
N GLU B 82 -24.99 -6.32 -4.79
CA GLU B 82 -23.80 -6.89 -5.39
C GLU B 82 -23.30 -5.99 -6.51
N LEU B 83 -22.01 -5.73 -6.49
CA LEU B 83 -21.27 -5.10 -7.58
C LEU B 83 -20.44 -6.20 -8.25
N ILE B 84 -20.49 -6.26 -9.58
CA ILE B 84 -19.68 -7.21 -10.33
C ILE B 84 -19.07 -6.60 -11.59
N CYS B 85 -18.05 -7.28 -12.10
CA CYS B 85 -17.63 -7.14 -13.50
C CYS B 85 -18.24 -8.29 -14.31
N ARG B 86 -18.82 -7.95 -15.47
N ARG B 86 -18.81 -7.96 -15.47
CA ARG B 86 -19.51 -8.91 -16.32
CA ARG B 86 -19.47 -8.96 -16.34
C ARG B 86 -18.56 -9.73 -17.22
C ARG B 86 -18.52 -9.91 -17.05
N TYR B 87 -17.24 -9.59 -17.08
CA TYR B 87 -16.30 -10.32 -17.94
C TYR B 87 -15.60 -11.53 -17.29
N HIS B 88 -16.36 -12.27 -16.50
CA HIS B 88 -15.88 -13.44 -15.76
C HIS B 88 -17.03 -14.38 -15.53
N LEU B 89 -16.70 -15.61 -15.15
CA LEU B 89 -17.70 -16.59 -14.73
C LEU B 89 -17.32 -17.14 -13.36
N LEU B 90 -16.39 -18.10 -13.32
CA LEU B 90 -15.97 -18.69 -12.05
C LEU B 90 -15.03 -17.78 -11.24
N LYS B 91 -14.14 -17.06 -11.93
CA LYS B 91 -13.13 -16.25 -11.28
C LYS B 91 -13.63 -14.83 -11.15
N GLY B 92 -14.44 -14.61 -10.13
CA GLY B 92 -15.22 -13.40 -10.01
C GLY B 92 -14.43 -12.17 -9.62
N GLU B 94 -15.86 -8.98 -7.58
CA GLU B 94 -17.06 -8.54 -6.87
C GLU B 94 -16.82 -7.45 -5.82
N GLY B 95 -17.91 -6.75 -5.51
CA GLY B 95 -17.96 -5.82 -4.41
C GLY B 95 -19.37 -5.69 -3.86
N LYS B 96 -19.53 -4.84 -2.85
CA LYS B 96 -20.83 -4.57 -2.28
C LYS B 96 -21.05 -3.09 -2.27
N VAL B 97 -22.28 -2.70 -2.57
CA VAL B 97 -22.70 -1.32 -2.50
C VAL B 97 -23.82 -1.22 -1.47
N ILE B 98 -23.55 -0.45 -0.42
CA ILE B 98 -24.46 -0.33 0.71
C ILE B 98 -25.14 1.00 0.57
N VAL B 99 -26.46 0.96 0.44
CA VAL B 99 -27.26 2.16 0.44
C VAL B 99 -27.91 2.27 1.83
N LYS B 100 -27.57 3.34 2.54
CA LYS B 100 -28.07 3.60 3.88
C LYS B 100 -29.01 4.80 3.81
N ALA C 13 4.34 -28.89 -3.44
CA ALA C 13 4.78 -29.19 -2.04
C ALA C 13 5.75 -28.10 -1.52
N LYS C 14 5.21 -26.89 -1.33
CA LYS C 14 6.03 -25.68 -1.17
C LYS C 14 6.26 -25.22 0.28
N VAL C 15 7.52 -25.01 0.63
CA VAL C 15 7.92 -24.42 1.92
C VAL C 15 8.82 -23.21 1.66
N ILE C 16 8.46 -22.05 2.21
CA ILE C 16 9.23 -20.82 2.03
C ILE C 16 9.66 -20.26 3.38
N GLU C 17 10.97 -19.99 3.51
CA GLU C 17 11.55 -19.37 4.70
C GLU C 17 11.51 -17.85 4.60
N VAL C 18 11.04 -17.20 5.67
CA VAL C 18 11.06 -15.75 5.79
C VAL C 18 11.68 -15.36 7.13
N GLU C 19 12.79 -14.60 7.06
CA GLU C 19 13.45 -14.06 8.23
C GLU C 19 12.81 -12.73 8.58
N LEU C 20 12.42 -12.57 9.84
CA LEU C 20 12.09 -11.26 10.40
C LEU C 20 13.33 -10.83 11.17
N ASN C 21 13.73 -9.58 11.02
CA ASN C 21 14.86 -9.06 11.77
C ASN C 21 14.69 -7.57 11.94
N ASP C 22 15.67 -6.89 12.52
CA ASP C 22 15.48 -5.49 12.92
C ASP C 22 16.00 -4.54 11.83
N ASP C 23 15.15 -3.82 11.08
CA ASP C 23 13.69 -3.97 11.00
C ASP C 23 13.36 -4.25 9.53
N TYR C 24 13.48 -5.51 9.15
CA TYR C 24 13.28 -5.90 7.77
C TYR C 24 12.78 -7.33 7.66
N PHE C 25 12.25 -7.66 6.48
CA PHE C 25 11.94 -9.04 6.07
C PHE C 25 12.96 -9.47 5.01
N ASN C 26 13.39 -10.73 5.09
CA ASN C 26 14.29 -11.30 4.11
C ASN C 26 13.87 -12.72 3.74
N PRO C 27 13.49 -12.96 2.47
CA PRO C 27 13.48 -12.02 1.35
C PRO C 27 12.39 -10.98 1.48
N ASN C 28 12.64 -9.79 0.95
CA ASN C 28 11.65 -8.75 0.97
C ASN C 28 10.56 -8.89 -0.11
N VAL C 29 10.77 -9.83 -1.02
CA VAL C 29 9.79 -10.20 -2.03
C VAL C 29 9.69 -11.72 -2.01
N ILE C 30 8.47 -12.20 -1.87
CA ILE C 30 8.15 -13.62 -1.74
C ILE C 30 7.14 -13.94 -2.84
N THR C 31 7.37 -14.99 -3.63
CA THR C 31 6.39 -15.43 -4.62
C THR C 31 5.84 -16.77 -4.20
N ILE C 32 4.52 -16.90 -4.19
CA ILE C 32 3.87 -18.15 -3.85
C ILE C 32 2.86 -18.48 -4.93
N PRO C 33 2.62 -19.78 -5.15
CA PRO C 33 1.81 -20.22 -6.29
C PRO C 33 0.32 -20.09 -6.03
N ILE C 34 -0.38 -19.57 -7.04
CA ILE C 34 -1.83 -19.46 -7.00
C ILE C 34 -2.46 -20.84 -6.93
N ASN C 35 -3.50 -20.96 -6.10
CA ASN C 35 -4.28 -22.19 -6.00
C ASN C 35 -3.51 -23.38 -5.43
N GLU C 36 -2.31 -23.13 -4.92
CA GLU C 36 -1.53 -24.18 -4.30
C GLU C 36 -1.20 -23.75 -2.89
N SER C 37 -0.96 -24.75 -2.04
CA SER C 37 -0.73 -24.51 -0.61
C SER C 37 0.75 -24.32 -0.33
N THR C 38 1.08 -23.27 0.42
CA THR C 38 2.46 -23.01 0.83
C THR C 38 2.56 -22.86 2.35
N THR C 39 3.58 -23.52 2.93
CA THR C 39 3.94 -23.31 4.32
C THR C 39 5.03 -22.24 4.39
N LEU C 40 4.75 -21.19 5.15
CA LEU C 40 5.70 -20.12 5.41
C LEU C 40 6.37 -20.37 6.75
N LEU C 41 7.71 -20.47 6.74
CA LEU C 41 8.50 -20.62 7.96
C LEU C 41 8.98 -19.26 8.39
N LEU C 42 8.39 -18.75 9.47
CA LEU C 42 8.66 -17.39 9.95
C LEU C 42 9.67 -17.40 11.09
N LYS C 43 10.90 -17.00 10.81
CA LYS C 43 11.96 -17.01 11.83
C LYS C 43 12.31 -15.61 12.25
N ASN C 44 11.99 -15.25 13.48
CA ASN C 44 12.38 -13.93 13.96
C ASN C 44 13.81 -14.02 14.50
N LYS C 45 14.77 -13.60 13.69
CA LYS C 45 16.19 -13.56 14.06
C LYS C 45 16.62 -12.20 14.64
N GLY C 46 15.66 -11.28 14.74
CA GLY C 46 15.92 -9.97 15.34
C GLY C 46 15.82 -9.99 16.85
N LYS C 47 16.23 -8.89 17.44
CA LYS C 47 16.06 -8.64 18.88
C LYS C 47 14.63 -8.25 19.25
N SER C 48 13.99 -7.49 18.37
CA SER C 48 12.62 -6.99 18.58
C SER C 48 11.55 -8.02 18.23
N GLU C 49 10.40 -7.93 18.90
CA GLU C 49 9.19 -8.59 18.43
C GLU C 49 8.79 -7.98 17.09
N HIS C 50 8.32 -8.80 16.17
CA HIS C 50 7.85 -8.31 14.87
C HIS C 50 6.57 -9.03 14.48
N THR C 51 5.80 -8.42 13.59
CA THR C 51 4.65 -9.09 13.01
C THR C 51 4.89 -9.37 11.54
N PHE C 52 4.21 -10.41 11.04
CA PHE C 52 4.16 -10.76 9.63
C PHE C 52 2.69 -10.59 9.22
N THR C 53 2.39 -9.47 8.55
CA THR C 53 1.01 -9.03 8.33
C THR C 53 0.75 -8.72 6.85
N ILE C 54 -0.13 -9.51 6.23
CA ILE C 54 -0.53 -9.31 4.85
C ILE C 54 -2.03 -9.09 4.90
N LYS C 55 -2.42 -7.82 5.06
CA LYS C 55 -3.81 -7.50 5.33
C LYS C 55 -4.76 -8.08 4.28
N LYS C 56 -4.41 -7.93 3.01
CA LYS C 56 -5.30 -8.35 1.92
C LYS C 56 -5.39 -9.87 1.72
N LEU C 57 -4.49 -10.62 2.35
CA LEU C 57 -4.56 -12.07 2.41
C LEU C 57 -5.14 -12.56 3.74
N GLY C 58 -5.47 -11.64 4.65
CA GLY C 58 -6.02 -12.02 5.94
C GLY C 58 -5.01 -12.65 6.89
N ILE C 59 -3.73 -12.36 6.68
CA ILE C 59 -2.65 -12.95 7.47
C ILE C 59 -2.16 -11.95 8.50
N ASP C 60 -2.12 -12.35 9.77
CA ASP C 60 -1.61 -11.46 10.80
C ASP C 60 -1.04 -12.29 11.94
N VAL C 61 0.28 -12.40 11.99
CA VAL C 61 0.96 -13.31 12.86
C VAL C 61 2.08 -12.54 13.59
N VAL C 62 2.12 -12.63 14.91
CA VAL C 62 3.27 -12.10 15.67
C VAL C 62 4.30 -13.20 15.91
N VAL C 63 5.59 -12.83 15.82
CA VAL C 63 6.69 -13.75 16.09
C VAL C 63 7.63 -13.13 17.10
N GLU C 64 7.78 -13.78 18.26
N GLU C 64 7.77 -13.78 18.26
CA GLU C 64 8.63 -13.27 19.32
CA GLU C 64 8.63 -13.34 19.34
C GLU C 64 10.10 -13.42 18.93
C GLU C 64 10.12 -13.46 18.95
N SER C 65 10.95 -12.59 19.52
CA SER C 65 12.40 -12.67 19.31
C SER C 65 12.94 -14.06 19.60
N GLY C 66 13.72 -14.58 18.66
CA GLY C 66 14.38 -15.87 18.79
C GLY C 66 13.50 -17.08 18.55
N LYS C 67 12.26 -16.83 18.10
CA LYS C 67 11.27 -17.87 17.85
C LYS C 67 10.91 -18.04 16.39
N GLU C 68 10.49 -19.25 16.06
CA GLU C 68 10.03 -19.58 14.72
C GLU C 68 8.61 -20.08 14.80
N LYS C 69 7.81 -19.68 13.82
CA LYS C 69 6.41 -20.02 13.77
C LYS C 69 6.16 -20.49 12.36
N ASN C 70 5.24 -21.42 12.20
CA ASN C 70 4.87 -21.85 10.86
C ASN C 70 3.38 -21.64 10.65
N ILE C 71 3.03 -21.14 9.48
CA ILE C 71 1.63 -20.99 9.10
C ILE C 71 1.46 -21.49 7.66
N THR C 72 0.23 -21.86 7.32
CA THR C 72 -0.10 -22.32 5.99
C THR C 72 -0.97 -21.29 5.27
N VAL C 73 -0.67 -21.05 3.99
CA VAL C 73 -1.46 -20.11 3.19
C VAL C 73 -1.94 -20.80 1.91
N LYS C 74 -3.10 -20.39 1.41
CA LYS C 74 -3.54 -20.82 0.08
C LYS C 74 -4.30 -19.70 -0.62
N PRO C 75 -3.58 -18.85 -1.36
CA PRO C 75 -4.17 -17.75 -2.09
C PRO C 75 -4.79 -18.22 -3.40
N LYS C 76 -5.94 -17.64 -3.75
CA LYS C 76 -6.62 -18.00 -5.00
C LYS C 76 -6.85 -16.80 -5.90
N SER C 77 -6.31 -15.65 -5.50
CA SER C 77 -6.43 -14.42 -6.28
C SER C 77 -5.04 -13.90 -6.61
N ALA C 78 -4.63 -14.09 -7.86
CA ALA C 78 -3.33 -13.64 -8.33
C ALA C 78 -3.19 -12.14 -8.11
N GLY C 79 -2.03 -11.73 -7.60
CA GLY C 79 -1.79 -10.32 -7.34
C GLY C 79 -0.47 -10.05 -6.65
N THR C 80 -0.29 -8.80 -6.26
CA THR C 80 0.87 -8.37 -5.51
C THR C 80 0.32 -7.81 -4.21
N TYR C 81 0.72 -8.37 -3.07
CA TYR C 81 0.11 -8.05 -1.78
C TYR C 81 1.16 -7.48 -0.86
N GLU C 82 0.84 -6.36 -0.22
CA GLU C 82 1.77 -5.66 0.65
C GLU C 82 1.91 -6.39 1.99
N LEU C 83 3.17 -6.64 2.38
CA LEU C 83 3.53 -7.25 3.67
C LEU C 83 4.08 -6.16 4.59
N ILE C 84 3.64 -6.12 5.85
CA ILE C 84 4.16 -5.17 6.83
C ILE C 84 4.36 -5.85 8.17
N CYS C 85 5.15 -5.17 9.02
CA CYS C 85 5.12 -5.37 10.45
C CYS C 85 4.32 -4.20 11.03
N ARG C 86 3.41 -4.51 11.95
CA ARG C 86 2.51 -3.52 12.51
C ARG C 86 3.19 -2.55 13.47
N TYR C 87 4.41 -2.82 13.88
CA TYR C 87 5.00 -2.10 15.00
C TYR C 87 5.83 -0.89 14.59
N HIS C 88 5.32 -0.16 13.60
CA HIS C 88 6.06 0.91 12.96
C HIS C 88 5.08 1.90 12.38
N LEU C 89 5.55 3.13 12.21
CA LEU C 89 4.77 4.17 11.51
C LEU C 89 5.58 4.72 10.32
N LEU C 90 6.43 5.70 10.60
CA LEU C 90 7.20 6.37 9.56
C LEU C 90 8.37 5.54 9.08
N LYS C 91 8.97 4.77 9.98
CA LYS C 91 10.14 3.97 9.65
C LYS C 91 9.65 2.57 9.42
N GLY C 92 9.15 2.36 8.22
CA GLY C 92 8.43 1.15 7.87
C GLY C 92 9.25 -0.13 7.79
N GLU C 94 8.53 -3.43 5.58
CA GLU C 94 7.61 -3.77 4.50
C GLU C 94 8.23 -4.74 3.51
N GLY C 95 7.36 -5.46 2.80
CA GLY C 95 7.78 -6.33 1.70
C GLY C 95 6.60 -6.55 0.77
N LYS C 96 6.77 -7.47 -0.17
CA LYS C 96 5.74 -7.78 -1.15
C LYS C 96 5.57 -9.28 -1.26
N VAL C 97 4.32 -9.70 -1.41
CA VAL C 97 4.01 -11.09 -1.69
C VAL C 97 3.31 -11.15 -3.04
N ILE C 98 3.90 -11.89 -3.98
CA ILE C 98 3.34 -12.07 -5.30
C ILE C 98 2.68 -13.42 -5.37
N VAL C 99 1.42 -13.41 -5.79
CA VAL C 99 0.67 -14.62 -6.04
C VAL C 99 0.49 -14.70 -7.55
N LYS C 100 1.04 -15.76 -8.16
CA LYS C 100 0.98 -15.97 -9.60
C LYS C 100 0.72 -17.45 -9.96
N ALA D 13 24.98 -13.18 2.88
CA ALA D 13 25.11 -13.04 1.40
C ALA D 13 23.75 -13.24 0.70
N LYS D 14 22.85 -12.27 0.92
CA LYS D 14 21.43 -12.41 0.53
C LYS D 14 21.10 -11.64 -0.75
N VAL D 15 19.78 -11.55 -1.05
CA VAL D 15 19.25 -10.77 -2.17
C VAL D 15 18.17 -9.81 -1.67
N ILE D 16 18.33 -8.53 -1.99
CA ILE D 16 17.38 -7.50 -1.56
C ILE D 16 16.90 -6.74 -2.79
N GLU D 17 15.58 -6.67 -2.99
CA GLU D 17 15.04 -5.85 -4.09
C GLU D 17 14.84 -4.43 -3.60
N VAL D 18 15.31 -3.47 -4.40
CA VAL D 18 15.18 -2.05 -4.06
C VAL D 18 14.54 -1.31 -5.21
N GLU D 19 13.43 -0.62 -4.92
CA GLU D 19 12.76 0.24 -5.89
C GLU D 19 13.39 1.61 -5.87
N LEU D 20 13.72 2.12 -7.05
CA LEU D 20 13.99 3.55 -7.27
C LEU D 20 12.77 4.17 -7.94
N ASN D 21 12.31 5.31 -7.44
CA ASN D 21 11.15 5.96 -8.02
C ASN D 21 11.33 7.45 -7.83
N ASP D 22 10.36 8.22 -8.28
CA ASP D 22 10.50 9.67 -8.28
C ASP D 22 9.86 10.22 -7.00
N ASP D 23 10.61 10.75 -6.03
CA ASP D 23 12.08 10.75 -5.92
C ASP D 23 12.38 10.10 -4.56
N TYR D 24 12.48 8.78 -4.54
CA TYR D 24 12.71 8.05 -3.30
C TYR D 24 13.25 6.66 -3.59
N PHE D 25 13.87 6.09 -2.56
CA PHE D 25 14.24 4.68 -2.51
C PHE D 25 13.27 3.90 -1.61
N ASN D 26 12.98 2.65 -2.00
CA ASN D 26 12.07 1.80 -1.26
C ASN D 26 12.49 0.35 -1.36
N PRO D 27 13.02 -0.23 -0.28
CA PRO D 27 13.32 0.34 1.03
C PRO D 27 14.40 1.42 0.95
N ASN D 28 14.40 2.35 1.91
CA ASN D 28 15.49 3.31 2.05
C ASN D 28 16.24 3.16 3.37
N VAL D 29 16.00 2.04 4.05
CA VAL D 29 16.92 1.53 5.06
C VAL D 29 17.18 0.09 4.66
N ILE D 30 18.45 -0.18 4.40
CA ILE D 30 18.89 -1.44 3.82
C ILE D 30 19.94 -1.99 4.79
N THR D 31 19.83 -3.25 5.18
CA THR D 31 20.76 -3.87 6.11
C THR D 31 21.45 -5.08 5.47
N ILE D 32 22.77 -5.08 5.48
CA ILE D 32 23.54 -6.12 4.79
C ILE D 32 24.70 -6.65 5.64
N PRO D 33 25.05 -7.93 5.44
CA PRO D 33 26.09 -8.53 6.28
C PRO D 33 27.48 -7.97 6.02
N ILE D 34 28.26 -7.83 7.07
CA ILE D 34 29.65 -7.41 6.94
C ILE D 34 30.47 -8.57 6.36
N ASN D 35 31.34 -8.28 5.39
CA ASN D 35 32.25 -9.29 4.82
C ASN D 35 31.53 -10.45 4.15
N GLU D 36 30.40 -10.14 3.51
CA GLU D 36 29.68 -11.08 2.66
C GLU D 36 29.08 -10.34 1.49
N SER D 37 28.88 -11.06 0.38
CA SER D 37 28.35 -10.49 -0.83
C SER D 37 26.82 -10.56 -0.85
N THR D 38 26.19 -9.40 -0.89
CA THR D 38 24.74 -9.30 -1.00
C THR D 38 24.42 -8.77 -2.39
N THR D 39 23.40 -9.33 -3.02
CA THR D 39 22.94 -8.83 -4.31
C THR D 39 21.77 -7.88 -4.09
N LEU D 40 21.85 -6.71 -4.71
CA LEU D 40 20.75 -5.76 -4.73
C LEU D 40 20.13 -5.76 -6.12
N LEU D 41 18.84 -6.06 -6.17
CA LEU D 41 18.08 -6.00 -7.41
C LEU D 41 17.44 -4.62 -7.46
N LEU D 42 18.04 -3.74 -8.27
CA LEU D 42 17.61 -2.36 -8.39
C LEU D 42 16.59 -2.21 -9.52
N LYS D 43 15.37 -1.79 -9.17
CA LYS D 43 14.29 -1.63 -10.14
C LYS D 43 13.85 -0.18 -10.15
N ASN D 44 14.09 0.52 -11.26
CA ASN D 44 13.65 1.89 -11.40
C ASN D 44 12.27 1.92 -12.01
N LYS D 45 11.26 2.18 -11.17
CA LYS D 45 9.87 2.23 -11.57
C LYS D 45 9.37 3.66 -11.78
N GLY D 46 10.27 4.63 -11.67
CA GLY D 46 9.94 6.05 -11.91
C GLY D 46 10.10 6.44 -13.36
N LYS D 47 9.74 7.68 -13.66
CA LYS D 47 9.88 8.26 -15.00
C LYS D 47 11.27 8.81 -15.29
N SER D 48 11.97 9.22 -14.23
CA SER D 48 13.30 9.78 -14.36
C SER D 48 14.40 8.72 -14.29
N GLU D 49 15.57 9.05 -14.80
CA GLU D 49 16.76 8.28 -14.46
C GLU D 49 17.08 8.56 -12.98
N HIS D 50 17.63 7.58 -12.29
CA HIS D 50 18.07 7.74 -10.92
C HIS D 50 19.38 6.99 -10.73
N THR D 51 20.15 7.40 -9.74
CA THR D 51 21.33 6.67 -9.34
C THR D 51 21.16 6.03 -7.97
N PHE D 52 21.96 4.99 -7.75
CA PHE D 52 22.05 4.30 -6.49
C PHE D 52 23.51 4.39 -6.09
N THR D 53 23.80 5.26 -5.12
CA THR D 53 25.15 5.69 -4.85
C THR D 53 25.39 5.62 -3.34
N ILE D 54 26.32 4.74 -2.94
CA ILE D 54 26.77 4.62 -1.54
C ILE D 54 28.27 4.96 -1.53
N LYS D 55 28.58 6.24 -1.38
CA LYS D 55 29.94 6.72 -1.65
C LYS D 55 30.93 6.01 -0.75
N LYS D 56 30.62 5.88 0.54
CA LYS D 56 31.59 5.30 1.48
C LYS D 56 31.73 3.78 1.35
N LEU D 57 30.86 3.15 0.54
CA LEU D 57 31.06 1.74 0.15
C LEU D 57 31.59 1.64 -1.27
N GLY D 58 31.76 2.76 -1.96
CA GLY D 58 32.29 2.75 -3.32
C GLY D 58 31.34 2.23 -4.37
N ILE D 59 30.03 2.34 -4.09
CA ILE D 59 28.98 1.87 -4.99
C ILE D 59 28.35 3.09 -5.66
N ASP D 60 28.23 3.05 -6.99
CA ASP D 60 27.63 4.15 -7.74
C ASP D 60 27.22 3.62 -9.11
N VAL D 61 25.92 3.42 -9.30
CA VAL D 61 25.37 3.00 -10.59
C VAL D 61 24.14 3.83 -10.97
N VAL D 62 23.86 3.89 -12.27
CA VAL D 62 22.67 4.55 -12.80
C VAL D 62 21.69 3.48 -13.29
N VAL D 63 20.39 3.69 -13.05
CA VAL D 63 19.34 2.77 -13.51
C VAL D 63 18.34 3.56 -14.36
N GLU D 64 18.08 3.09 -15.58
CA GLU D 64 17.16 3.76 -16.46
C GLU D 64 15.70 3.51 -16.07
N SER D 65 14.83 4.47 -16.41
CA SER D 65 13.42 4.34 -16.13
C SER D 65 12.86 3.05 -16.74
N GLY D 66 12.14 2.29 -15.92
CA GLY D 66 11.54 1.05 -16.37
C GLY D 66 12.46 -0.16 -16.40
N LYS D 67 13.74 0.04 -16.08
CA LYS D 67 14.74 -1.03 -16.19
C LYS D 67 15.22 -1.50 -14.82
N GLU D 68 16.02 -2.55 -14.81
CA GLU D 68 16.56 -3.09 -13.58
C GLU D 68 18.02 -3.49 -13.74
N LYS D 69 18.75 -3.44 -12.63
CA LYS D 69 20.16 -3.78 -12.62
C LYS D 69 20.46 -4.48 -11.31
N ASN D 70 21.15 -5.62 -11.41
CA ASN D 70 21.58 -6.36 -10.25
C ASN D 70 23.04 -6.01 -9.96
N ILE D 71 23.29 -5.56 -8.73
CA ILE D 71 24.65 -5.22 -8.31
C ILE D 71 24.98 -6.00 -7.05
N THR D 72 26.29 -6.22 -6.84
CA THR D 72 26.80 -6.89 -5.66
C THR D 72 27.51 -5.88 -4.73
N VAL D 73 27.29 -6.02 -3.43
CA VAL D 73 27.96 -5.17 -2.44
C VAL D 73 28.61 -6.09 -1.40
N LYS D 74 29.93 -5.98 -1.24
CA LYS D 74 30.65 -6.77 -0.25
C LYS D 74 31.37 -5.82 0.69
N PRO D 75 30.66 -5.33 1.71
CA PRO D 75 31.22 -4.28 2.54
C PRO D 75 32.18 -4.87 3.55
N LYS D 76 33.33 -4.23 3.73
CA LYS D 76 34.37 -4.77 4.60
C LYS D 76 34.48 -4.05 5.94
N SER D 77 33.48 -3.24 6.28
CA SER D 77 33.45 -2.54 7.57
C SER D 77 32.01 -2.20 8.01
N ALA D 78 31.74 -2.43 9.28
CA ALA D 78 30.44 -2.10 9.88
C ALA D 78 30.25 -0.60 9.96
N GLY D 79 28.99 -0.17 9.95
CA GLY D 79 28.65 1.24 10.01
C GLY D 79 27.32 1.52 9.35
N THR D 80 26.90 2.79 9.40
CA THR D 80 25.68 3.26 8.77
C THR D 80 26.07 4.26 7.69
N TYR D 81 25.86 3.85 6.45
CA TYR D 81 26.35 4.59 5.27
C TYR D 81 25.18 5.30 4.57
N GLU D 82 25.43 6.50 4.05
CA GLU D 82 24.40 7.27 3.33
C GLU D 82 24.27 6.73 1.91
N LEU D 83 23.02 6.52 1.52
CA LEU D 83 22.62 6.22 0.17
C LEU D 83 22.03 7.50 -0.42
N ILE D 84 22.46 7.83 -1.63
CA ILE D 84 21.91 8.99 -2.36
C ILE D 84 21.64 8.65 -3.82
N CYS D 85 20.84 9.50 -4.46
CA CYS D 85 20.87 9.67 -5.89
C CYS D 85 21.62 10.96 -6.22
N ARG D 86 22.51 10.90 -7.19
CA ARG D 86 23.34 12.05 -7.58
C ARG D 86 22.59 13.18 -8.27
N TYR D 87 21.40 12.87 -8.80
CA TYR D 87 20.75 13.78 -9.72
C TYR D 87 19.86 14.81 -9.01
N HIS D 88 20.35 15.32 -7.88
CA HIS D 88 19.61 16.23 -7.03
C HIS D 88 20.60 17.06 -6.24
N LEU D 89 20.17 18.25 -5.84
CA LEU D 89 20.95 19.08 -4.90
C LEU D 89 20.12 19.34 -3.63
N LEU D 90 19.31 20.41 -3.65
CA LEU D 90 18.47 20.76 -2.50
C LEU D 90 17.43 19.70 -2.13
N LYS D 91 16.86 19.06 -3.15
CA LYS D 91 15.68 18.25 -2.99
C LYS D 91 16.05 16.89 -3.46
N GLY D 92 16.80 16.21 -2.61
CA GLY D 92 17.34 14.92 -2.94
C GLY D 92 16.54 13.75 -2.44
N GLU D 94 17.30 10.04 -0.46
CA GLU D 94 18.35 9.46 0.32
C GLU D 94 17.85 8.28 1.13
N GLY D 95 18.80 7.52 1.63
CA GLY D 95 18.52 6.42 2.50
C GLY D 95 19.78 6.09 3.25
N LYS D 96 19.79 4.92 3.88
CA LYS D 96 20.98 4.45 4.55
C LYS D 96 21.13 2.97 4.41
N VAL D 97 22.39 2.56 4.38
CA VAL D 97 22.76 1.17 4.30
C VAL D 97 23.52 0.81 5.56
N ILE D 98 23.00 -0.18 6.28
CA ILE D 98 23.55 -0.62 7.55
C ILE D 98 24.32 -1.90 7.36
N VAL D 99 25.59 -1.87 7.73
CA VAL D 99 26.46 -3.03 7.62
C VAL D 99 26.73 -3.55 9.02
N LYS D 100 26.41 -4.82 9.24
CA LYS D 100 26.42 -5.39 10.57
C LYS D 100 26.92 -6.81 10.49
#